data_5DE8
#
_entry.id   5DE8
#
_cell.length_a   57.650
_cell.length_b   130.600
_cell.length_c   36.700
_cell.angle_alpha   90.00
_cell.angle_beta   90.00
_cell.angle_gamma   90.00
#
_symmetry.space_group_name_H-M   'P 21 21 2'
#
loop_
_entity.id
_entity.type
_entity.pdbx_description
1 polymer sc1
2 polymer 'Fragile X mental retardation protein 1'
3 non-polymer 'POTASSIUM ION'
4 non-polymer 'IRIDIUM HEXAMMINE ION'
#
loop_
_entity_poly.entity_id
_entity_poly.type
_entity_poly.pdbx_seq_one_letter_code
_entity_poly.pdbx_strand_id
1 'polyribonucleotide' GCUGCGGUGUGGAAGGAGUGGCUGGGUUGCGCAGC A,C
2 'polypeptide(L)' ARGDGRRRGGGGRGQGGR B,D
#
# COMPACT_ATOMS: atom_id res chain seq x y z
N GLY B 3 -2.43 -1.81 0.85
CA GLY B 3 -2.34 -0.59 1.64
C GLY B 3 -3.33 -0.56 2.81
N ASP B 4 -3.06 -1.39 3.81
CA ASP B 4 -3.96 -1.58 4.95
C ASP B 4 -3.94 -0.42 5.94
N GLY B 5 -3.07 0.55 5.68
CA GLY B 5 -2.83 1.69 6.56
C GLY B 5 -3.47 2.99 6.13
N ARG B 6 -2.87 4.10 6.55
CA ARG B 6 -3.42 5.43 6.32
C ARG B 6 -3.66 5.66 4.83
N ARG B 7 -4.91 5.93 4.47
CA ARG B 7 -5.32 6.04 3.06
C ARG B 7 -5.43 7.50 2.61
N ARG B 8 -4.93 8.40 3.45
CA ARG B 8 -5.09 9.83 3.30
C ARG B 8 -4.17 10.51 4.30
N GLY B 9 -3.23 11.31 3.82
CA GLY B 9 -2.27 11.98 4.71
C GLY B 9 -2.33 13.49 4.68
N GLY B 10 -1.34 14.12 5.29
CA GLY B 10 -1.26 15.57 5.29
C GLY B 10 -1.95 16.17 6.50
N GLY B 11 -1.16 16.50 7.50
CA GLY B 11 -1.69 17.02 8.74
C GLY B 11 -2.36 15.91 9.52
N GLY B 12 -3.58 16.14 9.95
CA GLY B 12 -4.24 15.17 10.80
C GLY B 12 -5.33 14.39 10.10
N ARG B 13 -5.29 14.43 8.78
CA ARG B 13 -6.25 13.68 7.98
C ARG B 13 -5.98 12.20 8.08
N GLY B 14 -7.04 11.40 8.07
CA GLY B 14 -6.94 9.94 8.03
C GLY B 14 -6.59 9.11 9.26
N GLN B 15 -7.48 9.08 10.24
CA GLN B 15 -7.37 8.18 11.40
C GLN B 15 -8.68 7.51 11.76
N GLY B 16 -8.63 6.59 12.71
CA GLY B 16 -9.83 5.93 13.19
C GLY B 16 -9.62 4.46 13.52
N ASP D 4 -0.78 0.81 -4.13
CA ASP D 4 -0.55 1.03 -5.56
C ASP D 4 0.59 0.15 -6.10
N GLY D 5 1.25 -0.58 -5.20
CA GLY D 5 2.36 -1.44 -5.60
C GLY D 5 2.04 -2.92 -5.60
N ARG D 6 3.09 -3.75 -5.56
CA ARG D 6 2.93 -5.20 -5.66
C ARG D 6 2.06 -5.71 -4.52
N ARG D 7 1.05 -6.48 -4.90
CA ARG D 7 0.02 -6.96 -4.00
C ARG D 7 0.35 -8.37 -3.46
N ARG D 8 1.59 -8.78 -3.68
CA ARG D 8 2.00 -10.16 -3.44
C ARG D 8 3.52 -10.31 -3.42
N GLY D 9 4.08 -10.87 -2.35
CA GLY D 9 5.53 -10.99 -2.27
C GLY D 9 6.04 -12.41 -2.23
N GLY D 10 7.33 -12.57 -2.00
CA GLY D 10 7.93 -13.89 -1.92
C GLY D 10 8.50 -14.37 -3.25
N GLY D 11 9.80 -14.26 -3.41
CA GLY D 11 10.44 -14.64 -4.66
C GLY D 11 10.09 -13.67 -5.76
N GLY D 12 9.61 -14.21 -6.88
CA GLY D 12 9.27 -13.43 -8.04
C GLY D 12 7.77 -13.33 -8.23
N ARG D 13 7.02 -13.61 -7.17
CA ARG D 13 5.56 -13.49 -7.23
C ARG D 13 5.17 -12.02 -7.29
N GLY D 14 4.13 -11.71 -8.06
CA GLY D 14 3.60 -10.37 -8.03
C GLY D 14 4.53 -9.35 -8.66
N GLN D 15 4.77 -9.46 -9.96
CA GLN D 15 5.55 -8.46 -10.69
C GLN D 15 4.90 -8.17 -12.03
N GLY D 16 5.41 -7.14 -12.72
CA GLY D 16 4.91 -6.81 -14.05
C GLY D 16 4.79 -5.32 -14.29
N GLY D 17 3.58 -4.90 -14.62
CA GLY D 17 3.26 -3.49 -14.81
C GLY D 17 2.14 -3.05 -13.90
#